data_7E1K
#
_entry.id   7E1K
#
_cell.length_a   97.828
_cell.length_b   97.828
_cell.length_c   176.297
_cell.angle_alpha   90.000
_cell.angle_beta   90.000
_cell.angle_gamma   120.000
#
_symmetry.space_group_name_H-M   'H 3 2'
#
loop_
_entity.id
_entity.type
_entity.pdbx_description
1 polymer 'Capsid protein p24'
2 non-polymer 'INOSITOL HEXAKISPHOSPHATE'
3 water water
#
_entity_poly.entity_id   1
_entity_poly.type   'polypeptide(L)'
_entity_poly.pdbx_seq_one_letter_code
;GARASVLSGGELDKWEKIRLRPGGKKQYKLKHIVWASRELERFAVNPGLLETSEGCRQILGQLQPSLQTGSEELRSLYNT
IAVLYCVHQRIDVKDTKEALDKIEEEQNKSKKKAQQAAADTG
;
_entity_poly.pdbx_strand_id   A,B
#
# COMPACT_ATOMS: atom_id res chain seq x y z
N GLY A 1 24.06 -19.68 18.20
CA GLY A 1 24.58 -20.01 16.88
C GLY A 1 25.34 -18.86 16.21
N ALA A 2 26.00 -19.13 15.08
CA ALA A 2 26.78 -18.07 14.41
C ALA A 2 25.98 -17.34 13.33
N ARG A 3 25.63 -18.08 12.26
N ARG A 3 25.62 -18.08 12.26
CA ARG A 3 24.91 -17.52 11.10
CA ARG A 3 24.91 -17.52 11.10
C ARG A 3 25.35 -16.09 10.80
C ARG A 3 25.35 -16.09 10.83
N ALA A 4 26.67 -15.90 10.70
CA ALA A 4 27.25 -14.59 10.43
C ALA A 4 27.39 -14.30 8.94
N SER A 5 26.75 -15.11 8.09
CA SER A 5 26.73 -14.88 6.66
C SER A 5 25.60 -13.94 6.23
N VAL A 6 24.69 -13.58 7.14
CA VAL A 6 23.52 -12.81 6.75
C VAL A 6 23.82 -11.32 6.69
N LEU A 7 24.56 -10.81 7.67
CA LEU A 7 24.86 -9.40 7.76
C LEU A 7 26.37 -9.16 7.75
N SER A 8 26.78 -8.08 7.11
CA SER A 8 28.18 -7.68 7.13
C SER A 8 28.51 -6.98 8.45
N GLY A 9 29.71 -6.43 8.50
CA GLY A 9 30.08 -5.60 9.61
C GLY A 9 29.23 -4.35 9.69
N GLY A 10 29.30 -3.43 8.73
CA GLY A 10 28.47 -2.23 8.85
C GLY A 10 27.02 -2.57 9.15
N GLU A 11 26.51 -3.66 8.58
CA GLU A 11 25.10 -3.99 8.77
C GLU A 11 24.83 -4.46 10.20
N LEU A 12 25.76 -5.20 10.81
CA LEU A 12 25.50 -5.73 12.15
C LEU A 12 25.40 -4.60 13.17
N ASP A 13 26.25 -3.58 13.05
N ASP A 13 26.25 -3.57 13.02
CA ASP A 13 26.18 -2.49 14.01
CA ASP A 13 26.24 -2.45 13.95
C ASP A 13 24.95 -1.63 13.85
C ASP A 13 24.96 -1.63 13.84
N LYS A 14 24.33 -1.62 12.67
CA LYS A 14 23.05 -0.94 12.52
C LYS A 14 21.90 -1.82 13.01
N TRP A 15 22.01 -3.13 12.80
CA TRP A 15 21.01 -4.06 13.27
C TRP A 15 20.80 -3.93 14.77
N GLU A 16 21.89 -3.84 15.51
CA GLU A 16 21.83 -3.88 16.96
C GLU A 16 21.48 -2.55 17.59
N LYS A 17 21.19 -1.52 16.79
CA LYS A 17 20.61 -0.28 17.30
C LYS A 17 19.10 -0.17 17.05
N ILE A 18 18.49 -1.12 16.36
CA ILE A 18 17.07 -1.03 16.00
C ILE A 18 16.22 -1.67 17.10
N ARG A 19 15.14 -1.01 17.48
CA ARG A 19 14.30 -1.53 18.56
C ARG A 19 13.28 -2.52 18.02
N LEU A 20 13.03 -3.58 18.80
CA LEU A 20 11.98 -4.54 18.44
C LEU A 20 10.64 -3.86 18.32
N ARG A 21 10.25 -3.07 19.32
CA ARG A 21 9.02 -2.30 19.28
C ARG A 21 9.35 -0.81 19.15
N PRO A 22 8.44 -0.03 18.54
CA PRO A 22 8.79 1.37 18.21
C PRO A 22 9.37 2.17 19.39
N GLY A 23 8.74 2.11 20.55
CA GLY A 23 9.26 2.87 21.67
C GLY A 23 9.80 2.02 22.80
N GLY A 24 10.35 0.85 22.47
CA GLY A 24 10.81 -0.10 23.46
C GLY A 24 12.30 0.00 23.76
N LYS A 25 12.72 -0.82 24.71
CA LYS A 25 14.11 -0.83 25.14
C LYS A 25 14.92 -1.97 24.53
N LYS A 26 14.31 -3.12 24.29
CA LYS A 26 15.04 -4.24 23.69
C LYS A 26 15.31 -3.97 22.21
N GLN A 27 16.49 -4.38 21.76
CA GLN A 27 16.88 -4.16 20.38
C GLN A 27 17.22 -5.50 19.72
N TYR A 28 17.28 -5.47 18.39
CA TYR A 28 17.62 -6.68 17.66
C TYR A 28 19.04 -7.13 18.00
N LYS A 29 19.23 -8.44 18.07
CA LYS A 29 20.48 -9.08 18.43
C LYS A 29 20.84 -10.15 17.40
N LEU A 30 22.00 -10.78 17.60
CA LEU A 30 22.39 -11.89 16.75
C LEU A 30 21.42 -13.06 16.88
N LYS A 31 20.88 -13.29 18.08
CA LYS A 31 19.98 -14.42 18.29
C LYS A 31 18.70 -14.27 17.47
N HIS A 32 18.35 -13.05 17.05
CA HIS A 32 17.17 -12.87 16.22
C HIS A 32 17.44 -13.26 14.77
N ILE A 33 18.69 -13.17 14.32
CA ILE A 33 19.03 -13.65 12.97
C ILE A 33 19.11 -15.17 12.96
N VAL A 34 19.81 -15.74 13.95
CA VAL A 34 19.86 -17.20 14.09
C VAL A 34 18.45 -17.77 14.13
N TRP A 35 17.58 -17.14 14.92
CA TRP A 35 16.22 -17.62 15.07
C TRP A 35 15.47 -17.51 13.75
N ALA A 36 15.54 -16.35 13.10
CA ALA A 36 14.81 -16.22 11.85
C ALA A 36 15.29 -17.25 10.85
N SER A 37 16.59 -17.54 10.86
CA SER A 37 17.13 -18.56 9.97
C SER A 37 16.47 -19.90 10.23
N ARG A 38 16.44 -20.33 11.51
CA ARG A 38 15.84 -21.63 11.82
C ARG A 38 14.35 -21.63 11.55
N GLU A 39 13.69 -20.50 11.81
CA GLU A 39 12.25 -20.41 11.53
C GLU A 39 11.97 -20.67 10.05
N LEU A 40 12.79 -20.12 9.16
CA LEU A 40 12.51 -20.29 7.73
C LEU A 40 12.65 -21.75 7.32
N GLU A 41 13.69 -22.42 7.79
CA GLU A 41 13.85 -23.83 7.50
C GLU A 41 12.61 -24.61 7.92
N ARG A 42 12.08 -24.32 9.11
CA ARG A 42 10.90 -25.02 9.58
C ARG A 42 9.67 -24.69 8.73
N PHE A 43 9.62 -23.51 8.12
CA PHE A 43 8.56 -23.17 7.18
C PHE A 43 8.86 -23.63 5.76
N ALA A 44 9.90 -24.45 5.57
CA ALA A 44 10.29 -24.92 4.24
C ALA A 44 10.59 -23.76 3.30
N VAL A 45 11.33 -22.77 3.80
CA VAL A 45 11.79 -21.63 3.00
C VAL A 45 13.31 -21.55 3.07
N ASN A 46 13.94 -21.25 1.93
CA ASN A 46 15.40 -21.20 1.87
C ASN A 46 15.94 -20.10 2.77
N PRO A 47 16.61 -20.44 3.88
CA PRO A 47 17.15 -19.40 4.75
C PRO A 47 18.28 -18.60 4.10
N GLY A 48 18.99 -19.16 3.12
CA GLY A 48 20.01 -18.37 2.46
C GLY A 48 19.49 -17.11 1.81
N LEU A 49 18.16 -16.98 1.67
CA LEU A 49 17.58 -15.78 1.06
C LEU A 49 17.61 -14.56 1.98
N LEU A 50 17.98 -14.75 3.25
CA LEU A 50 18.15 -13.65 4.19
C LEU A 50 19.37 -12.79 3.89
N GLU A 51 20.25 -13.25 3.00
CA GLU A 51 21.54 -12.61 2.82
C GLU A 51 21.52 -11.44 1.86
N THR A 52 20.40 -11.15 1.21
CA THR A 52 20.35 -10.07 0.23
C THR A 52 19.02 -9.33 0.30
N SER A 53 19.01 -8.12 -0.28
CA SER A 53 17.78 -7.36 -0.34
C SER A 53 16.73 -8.11 -1.16
N GLU A 54 17.14 -8.68 -2.30
CA GLU A 54 16.19 -9.41 -3.13
C GLU A 54 15.70 -10.67 -2.42
N GLY A 55 16.57 -11.36 -1.68
CA GLY A 55 16.14 -12.54 -0.94
C GLY A 55 15.05 -12.22 0.08
N CYS A 56 15.27 -11.19 0.89
CA CYS A 56 14.28 -10.79 1.89
C CYS A 56 12.98 -10.37 1.23
N ARG A 57 13.07 -9.60 0.14
CA ARG A 57 11.86 -9.19 -0.55
C ARG A 57 11.01 -10.40 -0.96
N GLN A 58 11.64 -11.45 -1.53
CA GLN A 58 10.88 -12.61 -1.96
C GLN A 58 10.24 -13.35 -0.78
N ILE A 59 10.93 -13.36 0.36
CA ILE A 59 10.37 -14.00 1.55
C ILE A 59 9.11 -13.25 2.01
N LEU A 60 9.21 -11.93 2.10
CA LEU A 60 8.07 -11.13 2.52
C LEU A 60 6.87 -11.38 1.62
N GLY A 61 7.11 -11.59 0.32
CA GLY A 61 6.00 -11.89 -0.56
C GLY A 61 5.43 -13.27 -0.32
N GLN A 62 6.28 -14.21 0.11
CA GLN A 62 5.80 -15.54 0.45
C GLN A 62 4.90 -15.49 1.69
N LEU A 63 5.33 -14.77 2.74
CA LEU A 63 4.65 -14.76 4.03
C LEU A 63 3.48 -13.80 4.11
N GLN A 64 3.44 -12.76 3.29
CA GLN A 64 2.41 -11.73 3.41
C GLN A 64 0.98 -12.28 3.46
N PRO A 65 0.53 -13.14 2.54
CA PRO A 65 -0.86 -13.61 2.61
C PRO A 65 -1.25 -14.24 3.94
N SER A 66 -0.29 -14.77 4.68
CA SER A 66 -0.55 -15.39 5.97
C SER A 66 -0.50 -14.41 7.12
N LEU A 67 -0.32 -13.12 6.84
CA LEU A 67 0.07 -12.17 7.88
C LEU A 67 -1.11 -11.78 8.75
N GLN A 68 -2.27 -11.50 8.13
CA GLN A 68 -3.39 -10.98 8.89
C GLN A 68 -3.87 -11.99 9.94
N THR A 69 -3.93 -13.28 9.57
CA THR A 69 -4.31 -14.33 10.50
C THR A 69 -3.10 -14.96 11.22
N GLY A 70 -1.89 -14.44 11.01
CA GLY A 70 -0.71 -15.08 11.58
C GLY A 70 -0.69 -15.07 13.10
N SER A 71 -0.07 -16.10 13.68
CA SER A 71 0.28 -16.11 15.09
C SER A 71 1.41 -15.11 15.38
N GLU A 72 1.73 -14.96 16.68
CA GLU A 72 2.83 -14.10 17.10
C GLU A 72 4.14 -14.52 16.46
N GLU A 73 4.36 -15.84 16.38
CA GLU A 73 5.56 -16.35 15.73
C GLU A 73 5.64 -15.91 14.27
N LEU A 74 4.57 -16.11 13.51
CA LEU A 74 4.61 -15.69 12.11
C LEU A 74 4.85 -14.18 11.99
N ARG A 75 4.14 -13.38 12.80
CA ARG A 75 4.28 -11.93 12.72
C ARG A 75 5.69 -11.50 13.11
N SER A 76 6.23 -12.10 14.17
CA SER A 76 7.60 -11.81 14.60
C SER A 76 8.60 -12.14 13.49
N LEU A 77 8.37 -13.25 12.79
CA LEU A 77 9.27 -13.62 11.72
C LEU A 77 9.18 -12.63 10.56
N TYR A 78 7.96 -12.28 10.15
CA TYR A 78 7.80 -11.26 9.13
C TYR A 78 8.47 -9.95 9.56
N ASN A 79 8.20 -9.48 10.78
CA ASN A 79 8.79 -8.22 11.24
C ASN A 79 10.30 -8.25 11.20
N THR A 80 10.89 -9.35 11.65
CA THR A 80 12.35 -9.49 11.64
C THR A 80 12.90 -9.38 10.23
N ILE A 81 12.27 -10.04 9.27
CA ILE A 81 12.80 -10.01 7.91
C ILE A 81 12.52 -8.67 7.24
N ALA A 82 11.51 -7.93 7.69
CA ALA A 82 11.30 -6.58 7.17
C ALA A 82 12.44 -5.66 7.59
N VAL A 83 12.93 -5.82 8.82
CA VAL A 83 14.05 -4.99 9.25
C VAL A 83 15.32 -5.38 8.49
N LEU A 84 15.58 -6.67 8.36
CA LEU A 84 16.75 -7.11 7.59
C LEU A 84 16.74 -6.53 6.19
N TYR A 85 15.59 -6.58 5.52
CA TYR A 85 15.49 -5.95 4.21
C TYR A 85 15.92 -4.49 4.25
N CYS A 86 15.36 -3.70 5.20
CA CYS A 86 15.73 -2.29 5.33
C CYS A 86 17.21 -2.12 5.62
N VAL A 87 17.78 -2.98 6.45
CA VAL A 87 19.22 -2.93 6.66
C VAL A 87 19.97 -3.17 5.37
N HIS A 88 19.63 -4.25 4.64
CA HIS A 88 20.33 -4.57 3.39
C HIS A 88 20.21 -3.40 2.41
N GLN A 89 19.01 -2.85 2.28
CA GLN A 89 18.77 -1.72 1.38
C GLN A 89 19.37 -0.42 1.89
N ARG A 90 20.03 -0.42 3.05
CA ARG A 90 20.56 0.80 3.67
C ARG A 90 19.48 1.84 3.91
N ILE A 91 18.24 1.38 4.07
CA ILE A 91 17.14 2.23 4.53
C ILE A 91 17.27 2.38 6.04
N ASP A 92 17.45 3.61 6.49
CA ASP A 92 17.61 3.88 7.91
C ASP A 92 16.28 3.72 8.62
N VAL A 93 16.25 2.85 9.62
CA VAL A 93 15.10 2.63 10.48
C VAL A 93 15.60 2.63 11.92
N LYS A 94 14.71 2.96 12.85
CA LYS A 94 15.03 2.88 14.27
C LYS A 94 14.19 1.86 15.04
N ASP A 95 13.12 1.33 14.44
CA ASP A 95 12.34 0.27 15.05
C ASP A 95 11.58 -0.51 13.97
N THR A 96 10.95 -1.60 14.41
CA THR A 96 10.19 -2.45 13.50
C THR A 96 9.06 -1.70 12.81
N LYS A 97 8.33 -0.85 13.54
CA LYS A 97 7.25 -0.09 12.94
C LYS A 97 7.76 0.72 11.76
N GLU A 98 8.83 1.48 11.96
CA GLU A 98 9.31 2.33 10.87
C GLU A 98 9.75 1.49 9.68
N ALA A 99 10.40 0.37 9.93
CA ALA A 99 10.76 -0.54 8.85
C ALA A 99 9.54 -0.90 7.99
N LEU A 100 8.40 -1.20 8.64
CA LEU A 100 7.22 -1.61 7.87
C LEU A 100 6.65 -0.45 7.09
N ASP A 101 6.61 0.74 7.71
CA ASP A 101 6.10 1.92 7.03
C ASP A 101 6.93 2.27 5.81
N LYS A 102 8.25 2.09 5.88
CA LYS A 102 9.09 2.47 4.75
C LYS A 102 9.01 1.45 3.61
N ILE A 103 8.90 0.17 3.93
CA ILE A 103 8.63 -0.83 2.89
C ILE A 103 7.34 -0.51 2.16
N GLU A 104 6.28 -0.22 2.92
CA GLU A 104 5.03 0.15 2.27
C GLU A 104 5.21 1.41 1.43
N GLU A 105 5.93 2.40 1.98
CA GLU A 105 6.16 3.62 1.22
C GLU A 105 6.95 3.33 -0.04
N GLU A 106 7.88 2.37 0.02
CA GLU A 106 8.69 2.03 -1.14
C GLU A 106 7.89 1.30 -2.20
N GLN A 107 7.03 0.35 -1.78
CA GLN A 107 6.13 -0.31 -2.72
C GLN A 107 5.22 0.70 -3.41
N ASN A 108 4.72 1.70 -2.68
CA ASN A 108 3.87 2.71 -3.28
C ASN A 108 4.60 3.47 -4.37
N LYS A 109 5.83 3.89 -4.11
CA LYS A 109 6.52 4.73 -5.07
C LYS A 109 7.00 3.94 -6.28
N SER A 110 7.34 2.66 -6.09
CA SER A 110 7.71 1.86 -7.24
C SER A 110 6.51 1.63 -8.15
N LYS A 111 5.34 1.35 -7.56
CA LYS A 111 4.16 1.07 -8.37
C LYS A 111 3.72 2.29 -9.15
N LYS A 112 3.95 3.48 -8.60
CA LYS A 112 3.54 4.68 -9.29
C LYS A 112 4.57 5.18 -10.30
N LYS A 113 5.86 4.99 -10.03
CA LYS A 113 6.83 5.23 -11.09
C LYS A 113 6.63 4.27 -12.24
N ALA A 114 6.22 3.03 -11.95
CA ALA A 114 5.91 2.08 -13.01
C ALA A 114 4.66 2.51 -13.77
N GLN A 115 3.64 3.00 -13.06
CA GLN A 115 2.45 3.53 -13.72
C GLN A 115 2.78 4.77 -14.53
N GLN A 116 3.70 5.62 -14.04
CA GLN A 116 4.13 6.79 -14.80
C GLN A 116 5.05 6.43 -15.96
N ALA A 117 5.89 5.41 -15.77
CA ALA A 117 6.76 4.96 -16.86
C ALA A 117 5.94 4.43 -18.03
N ALA A 118 4.95 3.57 -17.76
CA ALA A 118 4.07 3.10 -18.82
C ALA A 118 3.17 4.22 -19.34
N ALA A 119 2.68 5.09 -18.44
CA ALA A 119 1.75 6.14 -18.85
C ALA A 119 2.39 7.08 -19.85
N ASP A 120 3.70 7.32 -19.72
CA ASP A 120 4.43 8.05 -20.75
C ASP A 120 4.72 7.19 -21.97
N THR A 121 4.11 6.01 -22.06
CA THR A 121 4.31 5.09 -23.17
C THR A 121 5.74 4.54 -23.15
N ALA B 2 -28.32 11.12 -15.06
CA ALA B 2 -27.16 10.72 -14.27
C ALA B 2 -26.46 11.94 -13.66
N ARG B 3 -27.12 13.08 -13.72
CA ARG B 3 -26.59 14.33 -13.17
C ARG B 3 -27.26 14.73 -11.86
N ALA B 4 -28.26 13.98 -11.42
CA ALA B 4 -28.87 14.17 -10.10
C ALA B 4 -28.88 12.92 -9.25
N SER B 5 -28.82 11.72 -9.83
CA SER B 5 -28.83 10.51 -9.04
C SER B 5 -27.46 10.24 -8.41
N VAL B 6 -26.39 10.70 -9.05
CA VAL B 6 -25.06 10.30 -8.62
C VAL B 6 -24.62 11.09 -7.41
N LEU B 7 -24.80 12.41 -7.43
CA LEU B 7 -24.36 13.32 -6.37
C LEU B 7 -25.53 14.14 -5.83
N SER B 8 -25.50 14.37 -4.52
CA SER B 8 -26.44 15.29 -3.89
C SER B 8 -26.09 16.75 -4.24
N GLY B 9 -26.92 17.68 -3.76
CA GLY B 9 -26.62 19.09 -3.96
C GLY B 9 -25.33 19.50 -3.28
N GLY B 10 -25.17 19.13 -2.02
CA GLY B 10 -23.93 19.45 -1.32
C GLY B 10 -22.73 18.74 -1.94
N GLU B 11 -22.90 17.49 -2.32
CA GLU B 11 -21.80 16.77 -2.97
C GLU B 11 -21.37 17.48 -4.25
N LEU B 12 -22.34 18.00 -5.02
CA LEU B 12 -22.02 18.63 -6.29
C LEU B 12 -21.19 19.91 -6.08
N ASP B 13 -21.55 20.72 -5.10
CA ASP B 13 -20.82 21.97 -4.92
C ASP B 13 -19.37 21.72 -4.55
N LYS B 14 -19.08 20.67 -3.79
CA LYS B 14 -17.70 20.33 -3.51
C LYS B 14 -17.04 19.63 -4.69
N TRP B 15 -17.84 18.93 -5.49
CA TRP B 15 -17.34 18.33 -6.72
C TRP B 15 -16.79 19.38 -7.67
N GLU B 16 -17.53 20.47 -7.87
CA GLU B 16 -17.16 21.45 -8.88
C GLU B 16 -16.05 22.40 -8.42
N LYS B 17 -15.46 22.18 -7.27
CA LYS B 17 -14.26 22.94 -6.92
C LYS B 17 -12.98 22.15 -7.12
N ILE B 18 -13.07 20.83 -7.23
CA ILE B 18 -11.89 19.98 -7.33
C ILE B 18 -11.28 20.14 -8.72
N ARG B 19 -9.97 20.28 -8.76
CA ARG B 19 -9.28 20.53 -10.02
C ARG B 19 -8.90 19.20 -10.66
N LEU B 20 -8.94 19.18 -11.99
CA LEU B 20 -8.59 17.96 -12.71
C LEU B 20 -7.15 17.54 -12.44
N ARG B 21 -6.21 18.48 -12.55
CA ARG B 21 -4.79 18.23 -12.29
C ARG B 21 -4.29 19.17 -11.21
N PRO B 22 -3.31 18.75 -10.39
CA PRO B 22 -2.92 19.53 -9.22
C PRO B 22 -2.74 21.01 -9.52
N GLY B 23 -1.82 21.34 -10.42
CA GLY B 23 -1.55 22.72 -10.79
C GLY B 23 -2.27 23.19 -12.03
N GLY B 24 -3.59 23.01 -12.08
CA GLY B 24 -4.39 23.44 -13.21
C GLY B 24 -5.68 24.05 -12.72
N LYS B 25 -6.36 24.76 -13.61
CA LYS B 25 -7.54 25.52 -13.19
C LYS B 25 -8.86 24.99 -13.75
N LYS B 26 -8.84 24.07 -14.71
CA LYS B 26 -10.04 23.30 -15.05
C LYS B 26 -10.44 22.47 -13.85
N GLN B 27 -11.74 22.43 -13.53
CA GLN B 27 -12.27 21.64 -12.43
C GLN B 27 -13.32 20.65 -12.95
N TYR B 28 -13.70 19.72 -12.08
CA TYR B 28 -14.74 18.77 -12.42
C TYR B 28 -16.08 19.47 -12.62
N LYS B 29 -16.85 18.98 -13.59
CA LYS B 29 -18.15 19.48 -13.98
C LYS B 29 -19.19 18.35 -13.95
N LEU B 30 -20.43 18.69 -14.28
CA LEU B 30 -21.43 17.65 -14.47
C LEU B 30 -21.06 16.71 -15.62
N LYS B 31 -20.39 17.24 -16.64
CA LYS B 31 -20.15 16.46 -17.86
C LYS B 31 -19.19 15.31 -17.59
N HIS B 32 -18.36 15.44 -16.56
CA HIS B 32 -17.49 14.34 -16.19
C HIS B 32 -18.26 13.23 -15.47
N ILE B 33 -19.38 13.57 -14.83
CA ILE B 33 -20.21 12.54 -14.22
C ILE B 33 -20.98 11.79 -15.29
N VAL B 34 -21.58 12.52 -16.22
CA VAL B 34 -22.30 11.89 -17.32
C VAL B 34 -21.36 11.01 -18.12
N TRP B 35 -20.13 11.51 -18.36
CA TRP B 35 -19.15 10.79 -19.15
C TRP B 35 -18.74 9.50 -18.46
N ALA B 36 -18.39 9.59 -17.17
CA ALA B 36 -18.01 8.38 -16.44
C ALA B 36 -19.15 7.37 -16.45
N SER B 37 -20.38 7.86 -16.30
CA SER B 37 -21.54 6.97 -16.39
C SER B 37 -21.57 6.24 -17.72
N ARG B 38 -21.50 6.97 -18.82
CA ARG B 38 -21.54 6.28 -20.11
C ARG B 38 -20.33 5.40 -20.32
N GLU B 39 -19.18 5.76 -19.75
CA GLU B 39 -17.97 4.97 -19.89
C GLU B 39 -18.14 3.59 -19.25
N LEU B 40 -18.66 3.54 -18.02
CA LEU B 40 -18.81 2.26 -17.35
C LEU B 40 -19.69 1.31 -18.15
N GLU B 41 -20.79 1.83 -18.71
CA GLU B 41 -21.64 0.99 -19.54
C GLU B 41 -20.86 0.43 -20.71
N ARG B 42 -20.03 1.26 -21.35
CA ARG B 42 -19.10 0.80 -22.37
C ARG B 42 -18.28 -0.38 -21.87
N PHE B 43 -17.82 -0.32 -20.62
CA PHE B 43 -16.96 -1.34 -20.04
C PHE B 43 -17.75 -2.43 -19.38
N ALA B 44 -19.06 -2.46 -19.60
CA ALA B 44 -19.92 -3.50 -19.06
C ALA B 44 -19.94 -3.47 -17.54
N VAL B 45 -19.92 -2.26 -16.96
CA VAL B 45 -19.99 -2.08 -15.51
C VAL B 45 -21.27 -1.31 -15.16
N ASN B 46 -21.86 -1.65 -14.03
CA ASN B 46 -23.13 -1.06 -13.65
C ASN B 46 -22.94 0.41 -13.28
N PRO B 47 -23.41 1.37 -14.08
CA PRO B 47 -23.19 2.78 -13.73
C PRO B 47 -23.87 3.19 -12.44
N GLY B 48 -24.94 2.50 -12.02
CA GLY B 48 -25.59 2.84 -10.77
C GLY B 48 -24.67 2.81 -9.57
N LEU B 49 -23.55 2.08 -9.67
CA LEU B 49 -22.61 1.98 -8.57
C LEU B 49 -21.89 3.29 -8.29
N LEU B 50 -22.01 4.29 -9.17
CA LEU B 50 -21.41 5.58 -8.90
C LEU B 50 -22.12 6.30 -7.76
N GLU B 51 -23.34 5.86 -7.42
CA GLU B 51 -24.18 6.59 -6.49
C GLU B 51 -23.74 6.45 -5.04
N THR B 52 -22.85 5.50 -4.72
CA THR B 52 -22.48 5.29 -3.33
C THR B 52 -20.97 5.11 -3.17
N SER B 53 -20.53 5.28 -1.93
CA SER B 53 -19.15 4.99 -1.57
C SER B 53 -18.79 3.54 -1.88
N GLU B 54 -19.60 2.59 -1.43
CA GLU B 54 -19.27 1.19 -1.64
C GLU B 54 -19.25 0.84 -3.14
N GLY B 55 -20.27 1.32 -3.87
CA GLY B 55 -20.29 1.12 -5.30
C GLY B 55 -19.02 1.59 -5.97
N CYS B 56 -18.61 2.84 -5.68
CA CYS B 56 -17.35 3.38 -6.21
C CYS B 56 -16.16 2.55 -5.80
N ARG B 57 -16.12 2.12 -4.54
CA ARG B 57 -15.03 1.25 -4.12
C ARG B 57 -14.99 0.00 -4.99
N GLN B 58 -16.15 -0.64 -5.24
CA GLN B 58 -16.15 -1.88 -6.00
C GLN B 58 -15.71 -1.64 -7.45
N ILE B 59 -16.05 -0.49 -8.00
CA ILE B 59 -15.63 -0.19 -9.36
C ILE B 59 -14.12 -0.07 -9.42
N LEU B 60 -13.54 0.69 -8.49
CA LEU B 60 -12.09 0.82 -8.45
C LEU B 60 -11.43 -0.53 -8.23
N GLY B 61 -12.05 -1.43 -7.46
CA GLY B 61 -11.50 -2.77 -7.33
C GLY B 61 -11.47 -3.51 -8.66
N GLN B 62 -12.53 -3.36 -9.46
CA GLN B 62 -12.59 -4.01 -10.77
C GLN B 62 -11.53 -3.43 -11.71
N LEU B 63 -11.35 -2.12 -11.65
CA LEU B 63 -10.51 -1.45 -12.63
C LEU B 63 -9.03 -1.45 -12.26
N GLN B 64 -8.68 -1.57 -10.98
CA GLN B 64 -7.28 -1.53 -10.57
C GLN B 64 -6.36 -2.44 -11.39
N PRO B 65 -6.65 -3.72 -11.56
CA PRO B 65 -5.67 -4.60 -12.26
C PRO B 65 -5.29 -4.11 -13.64
N SER B 66 -6.14 -3.34 -14.30
CA SER B 66 -5.89 -2.86 -15.66
C SER B 66 -5.25 -1.48 -15.68
N LEU B 67 -4.84 -0.98 -14.53
CA LEU B 67 -4.49 0.43 -14.43
C LEU B 67 -3.11 0.73 -14.99
N GLN B 68 -2.13 -0.13 -14.74
CA GLN B 68 -0.76 0.19 -15.14
C GLN B 68 -0.60 0.14 -16.65
N THR B 69 -1.22 -0.85 -17.29
CA THR B 69 -1.19 -0.87 -18.74
C THR B 69 -2.31 -0.03 -19.35
N GLY B 70 -3.06 0.71 -18.53
CA GLY B 70 -4.31 1.30 -18.99
C GLY B 70 -4.07 2.44 -19.95
N SER B 71 -4.98 2.58 -20.92
CA SER B 71 -4.97 3.74 -21.81
C SER B 71 -5.32 5.00 -21.02
N GLU B 72 -5.15 6.15 -21.65
CA GLU B 72 -5.48 7.40 -20.98
C GLU B 72 -6.96 7.45 -20.65
N GLU B 73 -7.78 6.93 -21.54
CA GLU B 73 -9.21 6.81 -21.26
C GLU B 73 -9.46 5.99 -20.00
N LEU B 74 -8.79 4.84 -19.89
CA LEU B 74 -8.99 4.03 -18.70
C LEU B 74 -8.51 4.78 -17.46
N ARG B 75 -7.32 5.38 -17.52
CA ARG B 75 -6.80 6.11 -16.38
C ARG B 75 -7.67 7.29 -15.98
N SER B 76 -8.17 8.06 -16.96
CA SER B 76 -9.07 9.17 -16.65
C SER B 76 -10.35 8.69 -15.97
N LEU B 77 -10.90 7.56 -16.45
CA LEU B 77 -12.11 7.00 -15.83
C LEU B 77 -11.85 6.60 -14.38
N TYR B 78 -10.74 5.91 -14.13
CA TYR B 78 -10.40 5.54 -12.76
C TYR B 78 -10.26 6.77 -11.87
N ASN B 79 -9.51 7.77 -12.34
CA ASN B 79 -9.28 8.96 -11.52
C ASN B 79 -10.59 9.65 -11.18
N THR B 80 -11.49 9.79 -12.17
CA THR B 80 -12.80 10.38 -11.90
C THR B 80 -13.55 9.62 -10.81
N ILE B 81 -13.62 8.31 -10.94
CA ILE B 81 -14.35 7.55 -9.93
C ILE B 81 -13.64 7.64 -8.58
N ALA B 82 -12.30 7.77 -8.59
CA ALA B 82 -11.59 7.96 -7.33
C ALA B 82 -12.03 9.25 -6.64
N VAL B 83 -12.15 10.34 -7.39
CA VAL B 83 -12.62 11.60 -6.80
C VAL B 83 -14.07 11.45 -6.32
N LEU B 84 -14.93 10.78 -7.10
CA LEU B 84 -16.30 10.55 -6.64
C LEU B 84 -16.31 9.80 -5.31
N TYR B 85 -15.49 8.76 -5.17
CA TYR B 85 -15.45 8.02 -3.92
C TYR B 85 -15.12 8.95 -2.74
N CYS B 86 -14.06 9.75 -2.88
CA CYS B 86 -13.70 10.68 -1.81
C CYS B 86 -14.85 11.61 -1.50
N VAL B 87 -15.51 12.16 -2.52
CA VAL B 87 -16.66 13.01 -2.28
C VAL B 87 -17.71 12.26 -1.44
N HIS B 88 -18.11 11.06 -1.88
CA HIS B 88 -19.15 10.32 -1.15
C HIS B 88 -18.74 10.09 0.29
N GLN B 89 -17.45 9.83 0.53
CA GLN B 89 -16.91 9.62 1.86
C GLN B 89 -16.73 10.91 2.63
N ARG B 90 -16.96 12.06 2.00
CA ARG B 90 -16.72 13.36 2.63
C ARG B 90 -15.26 13.53 3.03
N ILE B 91 -14.37 12.91 2.27
CA ILE B 91 -12.94 13.11 2.41
C ILE B 91 -12.57 14.33 1.56
N ASP B 92 -11.98 15.33 2.20
CA ASP B 92 -11.66 16.56 1.49
C ASP B 92 -10.50 16.32 0.53
N VAL B 93 -10.68 16.81 -0.69
CA VAL B 93 -9.64 16.74 -1.71
C VAL B 93 -9.71 18.00 -2.57
N LYS B 94 -8.56 18.43 -3.05
CA LYS B 94 -8.48 19.61 -3.89
C LYS B 94 -8.09 19.32 -5.34
N ASP B 95 -7.74 18.08 -5.67
CA ASP B 95 -7.42 17.75 -7.04
C ASP B 95 -7.33 16.23 -7.12
N THR B 96 -7.25 15.74 -8.35
CA THR B 96 -7.23 14.31 -8.59
C THR B 96 -6.10 13.63 -7.84
N LYS B 97 -4.89 14.20 -7.88
CA LYS B 97 -3.76 13.57 -7.21
C LYS B 97 -4.02 13.40 -5.71
N GLU B 98 -4.62 14.40 -5.07
CA GLU B 98 -4.85 14.28 -3.64
C GLU B 98 -5.87 13.18 -3.33
N ALA B 99 -6.90 13.03 -4.15
CA ALA B 99 -7.85 11.93 -3.95
C ALA B 99 -7.16 10.57 -4.09
N LEU B 100 -6.22 10.44 -5.05
CA LEU B 100 -5.51 9.16 -5.16
C LEU B 100 -4.62 8.93 -3.95
N ASP B 101 -3.94 9.97 -3.49
CA ASP B 101 -3.08 9.81 -2.31
C ASP B 101 -3.90 9.40 -1.09
N LYS B 102 -5.09 9.97 -0.93
CA LYS B 102 -5.88 9.67 0.25
C LYS B 102 -6.52 8.29 0.17
N ILE B 103 -6.99 7.89 -1.02
CA ILE B 103 -7.48 6.54 -1.18
C ILE B 103 -6.38 5.54 -0.86
N GLU B 104 -5.18 5.76 -1.40
CA GLU B 104 -4.03 4.94 -1.03
C GLU B 104 -3.83 4.94 0.48
N GLU B 105 -3.89 6.12 1.10
CA GLU B 105 -3.69 6.21 2.53
C GLU B 105 -4.80 5.50 3.31
N GLU B 106 -6.03 5.48 2.78
CA GLU B 106 -7.12 4.80 3.47
C GLU B 106 -7.07 3.29 3.28
N GLN B 107 -6.45 2.81 2.20
CA GLN B 107 -6.27 1.37 2.06
C GLN B 107 -5.23 0.85 3.05
N ASN B 108 -4.16 1.61 3.28
CA ASN B 108 -3.15 1.19 4.24
C ASN B 108 -3.71 1.19 5.65
N LYS B 109 -4.40 2.27 6.02
CA LYS B 109 -4.98 2.35 7.35
C LYS B 109 -5.92 1.20 7.62
N SER B 110 -6.78 0.86 6.65
CA SER B 110 -7.76 -0.18 6.87
C SER B 110 -7.09 -1.55 6.97
N LYS B 111 -6.09 -1.82 6.14
CA LYS B 111 -5.37 -3.08 6.23
C LYS B 111 -4.61 -3.18 7.55
N LYS B 112 -4.04 -2.06 8.01
CA LYS B 112 -3.38 -2.04 9.31
C LYS B 112 -4.36 -2.39 10.43
N LYS B 113 -5.48 -1.67 10.52
CA LYS B 113 -6.46 -1.95 11.57
C LYS B 113 -7.00 -3.37 11.47
N ALA B 114 -7.19 -3.90 10.26
CA ALA B 114 -7.60 -5.30 10.11
C ALA B 114 -6.57 -6.24 10.75
N GLN B 115 -5.27 -5.98 10.53
CA GLN B 115 -4.24 -6.82 11.13
C GLN B 115 -4.20 -6.65 12.65
N GLN B 116 -4.26 -5.40 13.14
CA GLN B 116 -4.29 -5.19 14.58
C GLN B 116 -5.51 -5.86 15.23
N ALA B 117 -6.69 -5.73 14.61
CA ALA B 117 -7.89 -6.32 15.17
C ALA B 117 -7.79 -7.84 15.26
N ALA B 118 -7.32 -8.49 14.19
CA ALA B 118 -7.12 -9.94 14.25
C ALA B 118 -5.97 -10.30 15.18
N ALA B 119 -4.90 -9.49 15.17
CA ALA B 119 -3.73 -9.82 15.98
C ALA B 119 -4.04 -9.73 17.47
N ASP B 120 -4.88 -8.77 17.86
CA ASP B 120 -5.24 -8.60 19.26
C ASP B 120 -6.44 -9.43 19.69
N THR B 121 -7.02 -10.23 18.79
CA THR B 121 -8.09 -11.16 19.15
C THR B 121 -7.54 -12.30 19.98
N GLY B 122 -7.83 -12.29 21.29
CA GLY B 122 -7.34 -13.31 22.20
#